data_6FP5
#
_entry.id   6FP5
#
_cell.length_a   97.650
_cell.length_b   97.650
_cell.length_c   48.480
_cell.angle_alpha   90.000
_cell.angle_beta   90.000
_cell.angle_gamma   90.000
#
_symmetry.space_group_name_H-M   'P 41 21 2'
#
loop_
_entity.id
_entity.type
_entity.pdbx_description
1 polymer CG2712
2 non-polymer 'ZINC ION'
3 non-polymer GLYCEROL
4 water water
#
_entity_poly.entity_id   1
_entity_poly.type   'polypeptide(L)'
_entity_poly.pdbx_seq_one_letter_code
;GSPELMTTMSPPSPMDALCRVCHTASPRCLPLFKPLDDPISGKPATLASILSYCSGLEILEAELFLPHHICPDCVAKLRL
SLEFKRSVHRMDRILRQTRLDRAAAS
;
_entity_poly.pdbx_strand_id   A,B
#
# COMPACT_ATOMS: atom_id res chain seq x y z
N MET A 15 29.03 -13.63 -0.39
CA MET A 15 28.14 -12.44 -0.58
C MET A 15 26.84 -12.52 0.29
N ASP A 16 26.49 -11.45 1.00
CA ASP A 16 25.25 -11.42 1.82
C ASP A 16 24.01 -11.48 0.94
N ALA A 17 22.88 -11.81 1.54
CA ALA A 17 21.68 -11.97 0.79
C ALA A 17 21.15 -10.64 0.29
N LEU A 18 20.55 -10.63 -0.92
CA LEU A 18 20.01 -9.42 -1.53
C LEU A 18 18.54 -9.23 -1.13
N CYS A 19 18.15 -7.97 -0.92
CA CYS A 19 16.77 -7.64 -0.66
C CYS A 19 15.91 -7.65 -1.95
N ARG A 20 14.76 -8.34 -1.93
CA ARG A 20 13.83 -8.46 -3.06
C ARG A 20 13.26 -7.06 -3.47
N VAL A 21 13.24 -6.12 -2.49
CA VAL A 21 12.58 -4.80 -2.72
C VAL A 21 13.60 -3.73 -3.10
N CYS A 22 14.73 -3.63 -2.39
CA CYS A 22 15.65 -2.54 -2.68
C CYS A 22 16.99 -3.04 -3.18
N HIS A 23 17.21 -4.33 -3.27
CA HIS A 23 18.45 -4.90 -3.78
C HIS A 23 19.69 -4.56 -2.92
N THR A 24 19.53 -4.12 -1.69
CA THR A 24 20.72 -4.05 -0.79
C THR A 24 21.22 -5.44 -0.41
N ALA A 25 22.54 -5.60 -0.26
CA ALA A 25 23.10 -6.85 0.17
C ALA A 25 23.28 -6.71 1.66
N SER A 26 22.64 -7.51 2.51
CA SER A 26 22.79 -7.30 3.94
C SER A 26 22.94 -8.60 4.67
N PRO A 27 23.85 -8.63 5.66
CA PRO A 27 23.89 -9.84 6.44
C PRO A 27 22.69 -9.91 7.41
N ARG A 28 21.81 -8.90 7.45
CA ARG A 28 20.64 -8.94 8.35
C ARG A 28 19.31 -9.14 7.60
N CYS A 29 19.37 -9.51 6.31
CA CYS A 29 18.14 -9.74 5.55
C CYS A 29 17.34 -10.89 6.17
N LEU A 30 16.03 -10.83 6.06
CA LEU A 30 15.13 -11.80 6.62
C LEU A 30 14.62 -12.69 5.45
N PRO A 31 14.28 -13.95 5.73
CA PRO A 31 13.81 -14.92 4.71
C PRO A 31 12.33 -14.61 4.33
N LEU A 32 12.06 -14.54 3.03
CA LEU A 32 10.70 -14.26 2.54
C LEU A 32 9.74 -15.43 2.77
N PHE A 33 10.29 -16.66 2.85
CA PHE A 33 9.39 -17.81 2.74
C PHE A 33 9.19 -18.59 4.02
N LYS A 34 9.60 -18.04 5.16
N LYS A 34 9.60 -18.04 5.16
CA LYS A 34 9.45 -18.77 6.41
C LYS A 34 8.11 -18.36 7.05
C LYS A 34 8.11 -18.36 7.05
N PRO A 35 7.28 -19.34 7.50
CA PRO A 35 5.96 -19.04 8.15
C PRO A 35 6.14 -18.20 9.38
N LEU A 36 5.25 -17.24 9.58
CA LEU A 36 5.16 -16.48 10.78
C LEU A 36 3.67 -16.10 10.97
N ASP A 37 3.28 -15.42 12.05
CA ASP A 37 1.89 -14.92 12.13
C ASP A 37 1.71 -13.55 11.52
N ASP A 38 0.66 -13.35 10.71
CA ASP A 38 0.42 -12.07 10.20
C ASP A 38 0.43 -11.07 11.38
N PRO A 39 1.13 -9.90 11.25
CA PRO A 39 1.16 -9.00 12.46
C PRO A 39 -0.16 -8.29 12.79
N ILE A 40 -1.09 -8.24 11.84
CA ILE A 40 -2.45 -7.67 12.11
C ILE A 40 -3.46 -8.81 12.47
N SER A 41 -3.53 -9.90 11.67
CA SER A 41 -4.53 -10.96 11.91
C SER A 41 -4.09 -12.07 12.88
N GLY A 42 -2.78 -12.28 13.10
CA GLY A 42 -2.32 -13.44 13.88
C GLY A 42 -2.38 -14.75 13.08
N LYS A 43 -2.87 -14.66 11.82
CA LYS A 43 -3.09 -15.91 11.04
C LYS A 43 -1.79 -16.34 10.30
N PRO A 44 -1.67 -17.61 9.93
CA PRO A 44 -0.40 -17.99 9.25
C PRO A 44 -0.11 -17.17 8.02
N ALA A 45 1.16 -16.78 7.81
CA ALA A 45 1.50 -15.88 6.65
C ALA A 45 3.02 -16.10 6.47
N THR A 46 3.60 -15.49 5.46
CA THR A 46 5.08 -15.36 5.36
C THR A 46 5.33 -13.89 4.99
N LEU A 47 6.58 -13.43 5.03
CA LEU A 47 6.86 -12.08 4.51
C LEU A 47 6.54 -11.97 3.01
N ALA A 48 6.76 -13.05 2.26
CA ALA A 48 6.37 -13.08 0.82
C ALA A 48 4.82 -12.94 0.62
N SER A 49 3.99 -13.68 1.42
CA SER A 49 2.51 -13.55 1.18
C SER A 49 2.07 -12.10 1.54
N ILE A 50 2.67 -11.49 2.61
CA ILE A 50 2.32 -10.09 2.95
C ILE A 50 2.79 -9.09 1.90
N LEU A 51 4.01 -9.28 1.41
CA LEU A 51 4.54 -8.45 0.34
C LEU A 51 3.68 -8.54 -0.96
N SER A 52 3.27 -9.77 -1.32
CA SER A 52 2.41 -10.01 -2.45
C SER A 52 1.08 -9.28 -2.21
N TYR A 53 0.51 -9.45 -1.01
CA TYR A 53 -0.80 -8.82 -0.70
C TYR A 53 -0.68 -7.26 -0.84
N CYS A 54 0.39 -6.66 -0.29
CA CYS A 54 0.53 -5.22 -0.34
C CYS A 54 0.93 -4.66 -1.69
N SER A 55 1.68 -5.42 -2.49
CA SER A 55 2.16 -4.91 -3.77
C SER A 55 1.33 -5.34 -4.95
N GLY A 56 0.55 -6.40 -4.79
CA GLY A 56 -0.09 -6.97 -5.96
C GLY A 56 0.80 -7.80 -6.89
N LEU A 57 2.06 -8.05 -6.52
CA LEU A 57 2.91 -8.96 -7.30
C LEU A 57 2.93 -10.39 -6.73
N GLU A 58 3.10 -11.43 -7.54
CA GLU A 58 3.24 -12.79 -7.01
C GLU A 58 4.66 -12.93 -6.45
N ILE A 59 4.86 -13.12 -5.13
CA ILE A 59 6.24 -13.38 -4.64
C ILE A 59 6.30 -14.88 -4.32
N LEU A 60 6.85 -15.67 -5.27
CA LEU A 60 6.75 -17.10 -5.27
C LEU A 60 8.19 -17.64 -5.13
N GLU A 61 8.37 -18.54 -4.18
CA GLU A 61 9.65 -19.17 -3.93
C GLU A 61 10.18 -19.90 -5.18
N ALA A 62 9.26 -20.46 -6.01
CA ALA A 62 9.68 -21.31 -7.13
C ALA A 62 10.51 -20.49 -8.15
N GLU A 63 10.43 -19.13 -8.14
CA GLU A 63 11.25 -18.35 -9.09
C GLU A 63 12.63 -18.27 -8.46
N LEU A 64 13.44 -19.29 -8.65
CA LEU A 64 14.69 -19.41 -7.92
C LEU A 64 15.76 -18.39 -8.35
N PHE A 65 15.58 -17.68 -9.49
CA PHE A 65 16.59 -16.68 -9.88
C PHE A 65 16.40 -15.33 -9.17
N LEU A 66 15.31 -15.13 -8.43
CA LEU A 66 15.04 -13.82 -7.84
C LEU A 66 15.37 -13.86 -6.34
N PRO A 67 15.61 -12.69 -5.68
CA PRO A 67 15.98 -12.72 -4.26
C PRO A 67 14.94 -13.39 -3.40
N HIS A 68 15.38 -14.13 -2.38
CA HIS A 68 14.49 -14.82 -1.43
C HIS A 68 14.50 -14.18 -0.03
N HIS A 69 15.03 -12.96 0.07
CA HIS A 69 15.18 -12.26 1.33
C HIS A 69 14.69 -10.79 1.22
N ILE A 70 14.56 -10.11 2.38
CA ILE A 70 14.09 -8.74 2.40
C ILE A 70 14.78 -8.10 3.59
N CYS A 71 15.29 -6.89 3.40
CA CYS A 71 16.05 -6.24 4.44
C CYS A 71 15.13 -5.70 5.56
N PRO A 72 15.68 -5.46 6.75
CA PRO A 72 14.85 -5.04 7.88
C PRO A 72 14.16 -3.66 7.56
N ASP A 73 14.81 -2.77 6.81
CA ASP A 73 14.18 -1.47 6.46
C ASP A 73 12.94 -1.65 5.61
N CYS A 74 13.06 -2.50 4.60
CA CYS A 74 11.92 -2.80 3.72
C CYS A 74 10.85 -3.58 4.49
N VAL A 75 11.24 -4.45 5.44
CA VAL A 75 10.19 -5.12 6.28
C VAL A 75 9.38 -4.08 7.12
N ALA A 76 10.11 -3.09 7.68
CA ALA A 76 9.45 -1.99 8.41
C ALA A 76 8.42 -1.26 7.47
N LYS A 77 8.80 -0.93 6.23
CA LYS A 77 7.85 -0.21 5.30
C LYS A 77 6.69 -1.18 4.98
N LEU A 78 7.02 -2.47 4.79
CA LEU A 78 5.97 -3.45 4.52
C LEU A 78 4.90 -3.52 5.66
N ARG A 79 5.36 -3.51 6.92
N ARG A 79 5.36 -3.51 6.92
CA ARG A 79 4.45 -3.53 8.06
C ARG A 79 3.49 -2.33 8.02
C ARG A 79 3.49 -2.33 8.02
N LEU A 80 4.03 -1.15 7.72
CA LEU A 80 3.19 0.10 7.62
C LEU A 80 2.19 -0.03 6.44
N SER A 81 2.65 -0.53 5.30
CA SER A 81 1.81 -0.76 4.14
C SER A 81 0.61 -1.69 4.45
N LEU A 82 0.91 -2.80 5.12
CA LEU A 82 -0.11 -3.77 5.51
C LEU A 82 -1.13 -3.10 6.47
N GLU A 83 -0.64 -2.39 7.52
CA GLU A 83 -1.53 -1.71 8.50
C GLU A 83 -2.46 -0.74 7.71
N PHE A 84 -1.88 0.03 6.79
CA PHE A 84 -2.66 0.99 6.00
C PHE A 84 -3.70 0.30 5.11
N LYS A 85 -3.30 -0.68 4.33
CA LYS A 85 -4.29 -1.44 3.48
C LYS A 85 -5.41 -2.06 4.29
N ARG A 86 -5.08 -2.71 5.42
CA ARG A 86 -6.09 -3.32 6.21
C ARG A 86 -7.04 -2.22 6.82
N SER A 87 -6.48 -1.05 7.22
CA SER A 87 -7.35 0.05 7.72
C SER A 87 -8.33 0.55 6.65
N VAL A 88 -7.87 0.66 5.38
CA VAL A 88 -8.75 1.15 4.31
C VAL A 88 -9.88 0.13 4.10
N HIS A 89 -9.52 -1.16 4.10
CA HIS A 89 -10.52 -2.24 3.91
C HIS A 89 -11.52 -2.36 5.10
N ARG A 90 -11.01 -2.20 6.33
CA ARG A 90 -11.87 -2.24 7.52
C ARG A 90 -12.89 -1.06 7.38
N MET A 91 -12.43 0.14 6.99
CA MET A 91 -13.39 1.28 6.92
C MET A 91 -14.42 1.01 5.79
N ASP A 92 -13.93 0.46 4.68
CA ASP A 92 -14.85 0.15 3.57
C ASP A 92 -15.95 -0.82 4.03
N ARG A 93 -15.56 -1.84 4.81
CA ARG A 93 -16.60 -2.77 5.37
C ARG A 93 -17.62 -2.05 6.25
N ILE A 94 -17.16 -1.18 7.13
CA ILE A 94 -18.04 -0.38 8.00
C ILE A 94 -18.95 0.48 7.13
N LEU A 95 -18.37 1.12 6.12
CA LEU A 95 -19.21 2.01 5.24
C LEU A 95 -20.29 1.26 4.47
N ARG A 96 -19.99 0.04 4.08
CA ARG A 96 -20.91 -0.78 3.26
C ARG A 96 -21.67 -1.82 4.13
N GLN A 97 -21.68 -1.61 5.47
CA GLN A 97 -22.11 -2.67 6.39
C GLN A 97 -23.59 -2.66 6.48
N THR A 98 -24.10 -3.87 6.41
CA THR A 98 -25.37 -4.19 6.88
C THR A 98 -25.47 -3.96 8.40
N SER B 13 -18.01 21.75 12.67
CA SER B 13 -18.65 20.46 12.25
C SER B 13 -19.27 20.49 10.79
N PRO B 14 -20.15 21.51 10.46
CA PRO B 14 -20.25 21.95 9.04
C PRO B 14 -18.86 22.39 8.44
N MET B 15 -17.93 22.86 9.30
CA MET B 15 -16.50 23.09 8.99
C MET B 15 -15.71 21.80 8.60
N ASP B 16 -16.27 20.60 8.86
CA ASP B 16 -15.55 19.34 8.78
C ASP B 16 -16.00 18.45 7.63
N ALA B 17 -15.11 17.65 7.08
CA ALA B 17 -15.49 16.59 6.14
C ALA B 17 -14.98 15.29 6.74
N LEU B 18 -15.57 14.16 6.37
CA LEU B 18 -15.17 12.87 6.91
C LEU B 18 -14.10 12.21 6.06
N CYS B 19 -13.15 11.57 6.74
CA CYS B 19 -12.05 10.87 6.03
C CYS B 19 -12.57 9.50 5.51
N ARG B 20 -12.34 9.21 4.22
CA ARG B 20 -12.71 7.91 3.59
C ARG B 20 -12.01 6.71 4.23
N VAL B 21 -10.84 6.99 4.86
CA VAL B 21 -10.01 5.89 5.43
C VAL B 21 -10.26 5.65 6.92
N CYS B 22 -10.34 6.70 7.74
CA CYS B 22 -10.50 6.51 9.17
C CYS B 22 -11.82 7.08 9.71
N HIS B 23 -12.59 7.74 8.88
CA HIS B 23 -13.87 8.35 9.28
C HIS B 23 -13.72 9.50 10.28
N THR B 24 -12.52 10.02 10.53
CA THR B 24 -12.42 11.25 11.37
C THR B 24 -13.04 12.47 10.65
N ALA B 25 -13.61 13.40 11.40
CA ALA B 25 -14.10 14.63 10.83
C ALA B 25 -13.00 15.66 10.95
N SER B 26 -12.49 16.23 9.86
CA SER B 26 -11.41 17.24 9.99
C SER B 26 -11.66 18.41 9.08
N PRO B 27 -11.38 19.63 9.57
CA PRO B 27 -11.48 20.72 8.64
C PRO B 27 -10.30 20.76 7.69
N ARG B 28 -9.32 19.87 7.82
CA ARG B 28 -8.19 19.85 6.87
C ARG B 28 -8.16 18.66 5.95
N CYS B 29 -9.30 17.96 5.87
CA CYS B 29 -9.38 16.83 4.94
C CYS B 29 -9.18 17.34 3.51
N LEU B 30 -8.46 16.58 2.69
CA LEU B 30 -8.25 16.96 1.36
C LEU B 30 -9.24 16.24 0.46
N PRO B 31 -9.67 16.90 -0.67
CA PRO B 31 -10.64 16.31 -1.63
C PRO B 31 -9.98 15.18 -2.42
N LEU B 32 -10.66 14.03 -2.45
CA LEU B 32 -10.17 12.82 -3.14
C LEU B 32 -10.16 13.00 -4.64
N PHE B 33 -11.07 13.84 -5.17
CA PHE B 33 -11.27 13.85 -6.62
C PHE B 33 -10.69 15.02 -7.38
N LYS B 34 -9.89 15.83 -6.72
CA LYS B 34 -9.25 16.98 -7.36
C LYS B 34 -7.91 16.53 -8.00
N PRO B 35 -7.68 16.90 -9.30
CA PRO B 35 -6.43 16.53 -10.00
C PRO B 35 -5.20 17.08 -9.27
N LEU B 36 -4.15 16.29 -9.20
CA LEU B 36 -2.94 16.72 -8.60
C LEU B 36 -1.99 17.07 -9.73
N ASP B 37 -2.02 16.37 -10.87
CA ASP B 37 -1.32 16.86 -12.08
C ASP B 37 -2.26 17.30 -13.22
N ASP B 38 -1.66 17.87 -14.26
CA ASP B 38 -2.37 18.14 -15.49
C ASP B 38 -1.61 17.39 -16.65
N PRO B 39 -1.68 16.02 -16.69
CA PRO B 39 -0.93 15.32 -17.78
C PRO B 39 -1.48 15.54 -19.21
N ILE B 40 -0.64 15.38 -20.26
CA ILE B 40 -1.08 15.54 -21.68
C ILE B 40 -1.80 14.30 -22.27
N SER B 41 -1.22 13.10 -22.08
CA SER B 41 -1.96 11.83 -22.29
C SER B 41 -2.69 11.37 -21.00
N GLY B 42 -4.00 11.18 -21.11
CA GLY B 42 -4.76 10.52 -20.05
C GLY B 42 -5.18 11.44 -18.93
N LYS B 43 -5.87 10.87 -17.94
CA LYS B 43 -6.53 11.63 -16.88
C LYS B 43 -5.52 12.07 -15.77
N PRO B 44 -5.80 13.19 -15.09
CA PRO B 44 -4.91 13.57 -13.98
C PRO B 44 -4.83 12.45 -12.88
N ALA B 45 -3.70 12.33 -12.16
CA ALA B 45 -3.73 11.61 -10.87
C ALA B 45 -4.59 12.40 -9.85
N THR B 46 -5.25 11.69 -8.95
CA THR B 46 -5.99 12.33 -7.87
C THR B 46 -5.62 11.54 -6.61
N LEU B 47 -5.95 12.05 -5.43
CA LEU B 47 -5.74 11.25 -4.21
C LEU B 47 -6.57 9.95 -4.27
N ALA B 48 -7.77 9.99 -4.87
CA ALA B 48 -8.55 8.77 -5.07
C ALA B 48 -7.85 7.70 -5.99
N SER B 49 -7.24 8.11 -7.09
CA SER B 49 -6.56 7.11 -7.97
C SER B 49 -5.32 6.54 -7.22
N ILE B 50 -4.64 7.36 -6.41
CA ILE B 50 -3.50 6.83 -5.59
C ILE B 50 -3.99 5.91 -4.49
N LEU B 51 -5.07 6.32 -3.79
CA LEU B 51 -5.67 5.41 -2.79
C LEU B 51 -6.12 4.08 -3.40
N SER B 52 -6.76 4.13 -4.60
CA SER B 52 -7.22 2.92 -5.30
C SER B 52 -5.95 2.08 -5.66
N TYR B 53 -4.92 2.72 -6.18
CA TYR B 53 -3.66 2.01 -6.54
C TYR B 53 -3.09 1.29 -5.29
N CYS B 54 -3.00 1.97 -4.15
CA CYS B 54 -2.40 1.39 -2.95
C CYS B 54 -3.29 0.35 -2.27
N SER B 55 -4.62 0.54 -2.31
CA SER B 55 -5.51 -0.33 -1.55
C SER B 55 -6.16 -1.42 -2.38
N GLY B 56 -6.21 -1.25 -3.70
CA GLY B 56 -7.05 -2.17 -4.47
C GLY B 56 -8.57 -1.93 -4.39
N LEU B 57 -9.05 -0.98 -3.60
CA LEU B 57 -10.49 -0.64 -3.65
C LEU B 57 -10.77 0.33 -4.82
N GLU B 58 -11.98 0.24 -5.37
CA GLU B 58 -12.53 1.25 -6.29
C GLU B 58 -12.84 2.50 -5.50
N ILE B 59 -12.21 3.65 -5.77
CA ILE B 59 -12.58 4.86 -5.06
C ILE B 59 -13.18 5.77 -6.12
N LEU B 60 -14.54 5.86 -6.17
CA LEU B 60 -15.21 6.39 -7.36
C LEU B 60 -16.02 7.58 -6.88
N GLU B 61 -15.87 8.70 -7.55
CA GLU B 61 -16.62 9.91 -7.24
C GLU B 61 -18.16 9.66 -7.35
N ALA B 62 -18.56 8.79 -8.26
CA ALA B 62 -19.95 8.49 -8.54
C ALA B 62 -20.69 7.96 -7.27
N GLU B 63 -19.97 7.42 -6.27
CA GLU B 63 -20.64 6.97 -5.05
C GLU B 63 -20.74 8.23 -4.21
N LEU B 64 -21.77 9.01 -4.45
CA LEU B 64 -21.82 10.34 -3.85
C LEU B 64 -22.11 10.28 -2.32
N PHE B 65 -22.62 9.18 -1.83
CA PHE B 65 -23.03 9.14 -0.41
C PHE B 65 -21.86 8.58 0.46
N LEU B 66 -20.68 8.32 -0.12
CA LEU B 66 -19.53 7.90 0.73
C LEU B 66 -18.62 9.10 0.95
N PRO B 67 -17.67 9.04 1.95
CA PRO B 67 -16.78 10.23 2.15
C PRO B 67 -15.95 10.51 0.89
N HIS B 68 -15.77 11.79 0.60
CA HIS B 68 -15.05 12.24 -0.62
C HIS B 68 -13.73 12.93 -0.26
N HIS B 69 -13.24 12.71 0.96
CA HIS B 69 -12.06 13.41 1.49
C HIS B 69 -11.13 12.44 2.25
N ILE B 70 -9.95 12.93 2.62
CA ILE B 70 -8.97 12.09 3.33
C ILE B 70 -8.16 13.03 4.25
N CYS B 71 -8.06 12.60 5.53
CA CYS B 71 -7.44 13.50 6.53
C CYS B 71 -5.88 13.55 6.36
N PRO B 72 -5.24 14.58 6.93
CA PRO B 72 -3.81 14.75 6.72
C PRO B 72 -2.98 13.48 7.18
N ASP B 73 -3.40 12.85 8.29
CA ASP B 73 -2.65 11.68 8.76
C ASP B 73 -2.78 10.50 7.84
N CYS B 74 -4.01 10.26 7.33
CA CYS B 74 -4.20 9.20 6.32
C CYS B 74 -3.49 9.55 5.01
N VAL B 75 -3.43 10.83 4.64
CA VAL B 75 -2.62 11.20 3.40
C VAL B 75 -1.10 10.85 3.63
N ALA B 76 -0.59 11.17 4.82
CA ALA B 76 0.79 10.80 5.20
C ALA B 76 1.01 9.25 5.03
N LYS B 77 0.10 8.39 5.53
CA LYS B 77 0.25 6.91 5.43
C LYS B 77 0.17 6.56 3.93
N LEU B 78 -0.77 7.23 3.21
CA LEU B 78 -0.92 6.94 1.79
C LEU B 78 0.37 7.24 0.97
N ARG B 79 1.05 8.35 1.28
CA ARG B 79 2.24 8.75 0.58
C ARG B 79 3.35 7.64 0.79
N LEU B 80 3.48 7.13 2.02
CA LEU B 80 4.47 6.07 2.35
C LEU B 80 4.11 4.79 1.60
N SER B 81 2.81 4.42 1.60
CA SER B 81 2.32 3.25 0.89
C SER B 81 2.63 3.29 -0.59
N LEU B 82 2.35 4.45 -1.21
CA LEU B 82 2.59 4.66 -2.64
C LEU B 82 4.09 4.52 -2.94
N GLU B 83 4.96 5.19 -2.15
CA GLU B 83 6.44 5.12 -2.38
C GLU B 83 6.87 3.65 -2.28
N PHE B 84 6.37 2.94 -1.27
CA PHE B 84 6.72 1.52 -1.09
C PHE B 84 6.27 0.64 -2.26
N LYS B 85 4.99 0.73 -2.63
CA LYS B 85 4.50 -0.04 -3.77
C LYS B 85 5.24 0.25 -5.06
N ARG B 86 5.51 1.52 -5.36
CA ARG B 86 6.22 1.88 -6.54
C ARG B 86 7.67 1.30 -6.51
N SER B 87 8.32 1.34 -5.32
CA SER B 87 9.69 0.76 -5.19
C SER B 87 9.68 -0.76 -5.43
N VAL B 88 8.66 -1.47 -4.96
CA VAL B 88 8.57 -2.93 -5.15
C VAL B 88 8.45 -3.22 -6.68
N HIS B 89 7.55 -2.46 -7.34
CA HIS B 89 7.37 -2.60 -8.81
C HIS B 89 8.58 -2.24 -9.64
N ARG B 90 9.24 -1.13 -9.26
CA ARG B 90 10.43 -0.65 -9.99
C ARG B 90 11.50 -1.80 -9.91
N MET B 91 11.67 -2.35 -8.69
CA MET B 91 12.71 -3.43 -8.53
C MET B 91 12.31 -4.68 -9.34
N ASP B 92 11.02 -5.02 -9.29
CA ASP B 92 10.54 -6.18 -10.04
C ASP B 92 10.85 -6.03 -11.55
N ARG B 93 10.62 -4.81 -12.08
CA ARG B 93 10.96 -4.58 -13.52
C ARG B 93 12.43 -4.78 -13.80
N ILE B 94 13.28 -4.22 -12.93
CA ILE B 94 14.74 -4.32 -13.08
C ILE B 94 15.13 -5.79 -13.03
N LEU B 95 14.57 -6.51 -12.05
CA LEU B 95 14.97 -7.92 -11.90
C LEU B 95 14.52 -8.81 -13.04
N ARG B 96 13.40 -8.47 -13.67
CA ARG B 96 12.86 -9.26 -14.78
C ARG B 96 13.29 -8.75 -16.15
N GLN B 97 14.17 -7.73 -16.19
CA GLN B 97 14.87 -7.29 -17.40
C GLN B 97 13.80 -6.58 -18.27
N THR B 98 12.79 -6.10 -17.54
CA THR B 98 11.44 -5.75 -18.04
C THR B 98 11.37 -4.46 -18.89
#